data_2OVR
#
_entry.id   2OVR
#
_cell.length_a   232.558
_cell.length_b   232.558
_cell.length_c   107.659
_cell.angle_alpha   90.00
_cell.angle_beta   90.00
_cell.angle_gamma   90.00
#
_symmetry.space_group_name_H-M   'I 41 2 2'
#
loop_
_entity.id
_entity.type
_entity.pdbx_description
1 polymer 'S-phase kinase-associated protein 1A'
2 polymer 'F-box/WD repeat protein 7'
3 polymer 'cyclinE N-terminal degron'
4 non-polymer 'SULFATE ION'
5 water water
#
loop_
_entity_poly.entity_id
_entity_poly.type
_entity_poly.pdbx_seq_one_letter_code
_entity_poly.pdbx_strand_id
1 'polypeptide(L)'
;MPSIKLQSSDGEIFEVDVEIAKQSVTIKTMLEDLGMDPVPLPNVNAAILKKVIQWCTHHKDDPGGSGTDDIPVWDQEFLK
VDQGTLFELILAANYLDIKGLLDVTCKTVANMIKGKTPEEIRKTFNIKNDFTEEEEAQVRKENQWCEEK
;
A
2 'polypeptide(L)'
;TQVKHMMQVIEPQFQRDFISLLPKELALYVLSFLEPKDLLQAAQTCRYWRILAEDNLLWREKCKEEGIDEPLHIKRRKVI
KPGFIHSPWKSAYIRQHRIDTNWRRGELKSPKVLKGHDDHVITCLQFCGNRIVSGSDDNTLKVWSAVTGKCLRTLVGHTG
GVWSSQMRDNIIISGSTDRTLKVWNAETGECIHTLYGHTSTVRCMHLHEKRVVSGSRDATLRVWDIETGQCLHVLMGHVA
AVRCVQYDGRRVVSGAYDFMVKVWDPETETCLHTLQGHTNRVYSLQFDGIHVVSGSLDTSIRVWDVETGNCIHTLTGHQS
LTSGMELKDNILVSGNADSTVKIWDIKTGQCLQTLQGPNKHQSAVTCLQFNKNFVITSSDDGTVKLWDLKTGEFIRNLVT
LESGGSGGVVWRIRASNTKLVCAVGSRNGTEETKLLVLDFDVDMK
;
B
3 'polypeptide(L)' SLIP(TPO)PDK C
#
loop_
_chem_comp.id
_chem_comp.type
_chem_comp.name
_chem_comp.formula
SO4 non-polymer 'SULFATE ION' 'O4 S -2'
#
# COMPACT_ATOMS: atom_id res chain seq x y z
N PRO A 2 -7.82 32.37 -42.49
CA PRO A 2 -9.00 33.23 -42.24
C PRO A 2 -8.81 34.06 -40.99
N SER A 3 -9.81 34.89 -40.66
CA SER A 3 -9.73 35.74 -39.48
C SER A 3 -11.10 36.24 -39.03
N ILE A 4 -11.46 35.97 -37.78
CA ILE A 4 -12.74 36.42 -37.24
C ILE A 4 -12.59 37.56 -36.23
N LYS A 5 -13.71 38.22 -35.95
CA LYS A 5 -13.72 39.35 -35.03
C LYS A 5 -14.60 39.14 -33.82
N LEU A 6 -14.05 39.47 -32.65
CA LEU A 6 -14.79 39.33 -31.42
C LEU A 6 -14.80 40.66 -30.64
N GLN A 7 -15.95 40.97 -30.02
CA GLN A 7 -16.18 42.20 -29.28
C GLN A 7 -16.11 42.05 -27.77
N SER A 8 -15.13 42.70 -27.14
CA SER A 8 -15.00 42.63 -25.68
C SER A 8 -16.24 43.26 -25.07
N SER A 9 -16.36 43.20 -23.76
CA SER A 9 -17.51 43.78 -23.06
C SER A 9 -17.45 45.31 -23.13
N ASP A 10 -16.23 45.84 -23.23
CA ASP A 10 -15.96 47.28 -23.33
C ASP A 10 -16.49 47.88 -24.61
N GLY A 11 -16.64 47.05 -25.64
CA GLY A 11 -17.11 47.51 -26.92
C GLY A 11 -15.98 47.59 -27.93
N GLU A 12 -14.80 47.11 -27.55
CA GLU A 12 -13.64 47.12 -28.43
C GLU A 12 -13.58 45.87 -29.31
N ILE A 13 -13.52 46.06 -30.63
CA ILE A 13 -13.46 44.94 -31.57
C ILE A 13 -12.02 44.44 -31.76
N PHE A 14 -11.84 43.13 -31.69
CA PHE A 14 -10.53 42.50 -31.87
C PHE A 14 -10.57 41.60 -33.09
N GLU A 15 -9.49 41.64 -33.87
CA GLU A 15 -9.35 40.82 -35.06
C GLU A 15 -8.31 39.75 -34.74
N VAL A 16 -8.75 38.50 -34.63
CA VAL A 16 -7.82 37.43 -34.33
C VAL A 16 -7.97 36.29 -35.32
N ASP A 17 -6.82 35.71 -35.68
CA ASP A 17 -6.79 34.60 -36.62
C ASP A 17 -7.60 33.47 -36.03
N VAL A 18 -8.54 32.94 -36.80
CA VAL A 18 -9.34 31.82 -36.34
C VAL A 18 -8.30 30.76 -35.97
N GLU A 19 -8.67 29.82 -35.10
CA GLU A 19 -7.75 28.78 -34.67
C GLU A 19 -6.98 29.27 -33.45
N ILE A 20 -6.57 30.53 -33.45
CA ILE A 20 -5.92 31.07 -32.27
C ILE A 20 -7.10 31.38 -31.36
N ALA A 21 -8.20 31.75 -31.98
CA ALA A 21 -9.43 32.08 -31.28
C ALA A 21 -10.19 30.83 -30.89
N LYS A 22 -10.08 29.78 -31.69
CA LYS A 22 -10.82 28.57 -31.38
C LYS A 22 -10.25 27.76 -30.22
N GLN A 23 -9.22 28.28 -29.56
CA GLN A 23 -8.67 27.62 -28.39
C GLN A 23 -9.61 27.90 -27.21
N SER A 24 -10.71 28.57 -27.51
CA SER A 24 -11.75 28.93 -26.55
C SER A 24 -12.97 28.22 -27.11
N VAL A 25 -13.44 27.17 -26.44
CA VAL A 25 -14.58 26.46 -26.99
C VAL A 25 -15.81 27.36 -27.00
N THR A 26 -15.85 28.32 -26.08
CA THR A 26 -16.97 29.26 -26.04
C THR A 26 -17.00 30.04 -27.36
N ILE A 27 -15.89 30.70 -27.68
CA ILE A 27 -15.82 31.45 -28.92
C ILE A 27 -16.07 30.51 -30.10
N LYS A 28 -15.46 29.33 -30.02
CA LYS A 28 -15.61 28.33 -31.06
C LYS A 28 -17.07 27.97 -31.28
N THR A 29 -17.78 27.64 -30.19
CA THR A 29 -19.19 27.27 -30.29
C THR A 29 -20.02 28.35 -30.95
N MET A 30 -19.75 29.60 -30.59
CA MET A 30 -20.51 30.69 -31.16
C MET A 30 -20.19 30.99 -32.60
N LEU A 31 -18.95 30.74 -33.00
CA LEU A 31 -18.56 30.96 -34.40
C LEU A 31 -19.18 29.86 -35.28
N GLU A 32 -18.80 28.62 -35.01
CA GLU A 32 -19.25 27.48 -35.80
C GLU A 32 -20.72 27.12 -35.72
N ASP A 33 -21.33 27.25 -34.54
CA ASP A 33 -22.73 26.87 -34.36
C ASP A 33 -23.77 27.97 -34.40
N LEU A 34 -23.53 29.06 -33.66
CA LEU A 34 -24.50 30.16 -33.63
C LEU A 34 -24.25 31.21 -34.73
N GLY A 35 -23.04 31.21 -35.28
CA GLY A 35 -22.70 32.15 -36.34
C GLY A 35 -22.76 33.61 -35.91
N MET A 36 -22.01 33.95 -34.88
CA MET A 36 -21.97 35.31 -34.35
C MET A 36 -20.87 36.15 -34.99
N ASP A 37 -21.26 37.26 -35.60
CA ASP A 37 -20.28 38.14 -36.24
C ASP A 37 -20.66 39.60 -35.96
N PRO A 38 -19.90 40.27 -35.07
CA PRO A 38 -18.77 39.74 -34.31
C PRO A 38 -19.22 38.90 -33.11
N VAL A 39 -18.28 38.35 -32.38
CA VAL A 39 -18.61 37.54 -31.23
C VAL A 39 -18.60 38.36 -29.95
N PRO A 40 -19.80 38.60 -29.36
CA PRO A 40 -19.91 39.38 -28.13
C PRO A 40 -19.43 38.59 -26.90
N LEU A 41 -18.53 39.21 -26.14
CA LEU A 41 -17.96 38.60 -24.94
C LEU A 41 -18.23 39.45 -23.69
N PRO A 42 -19.49 39.51 -23.26
CA PRO A 42 -19.89 40.29 -22.09
C PRO A 42 -19.05 40.16 -20.82
N ASN A 43 -18.50 38.98 -20.56
CA ASN A 43 -17.73 38.82 -19.32
C ASN A 43 -16.25 39.10 -19.40
N VAL A 44 -15.78 39.54 -20.58
CA VAL A 44 -14.36 39.82 -20.75
C VAL A 44 -14.14 41.21 -21.33
N ASN A 45 -13.34 42.03 -20.65
CA ASN A 45 -13.07 43.37 -21.15
C ASN A 45 -11.82 43.40 -22.03
N ALA A 46 -11.72 44.44 -22.86
CA ALA A 46 -10.60 44.61 -23.77
C ALA A 46 -9.23 44.30 -23.16
N ALA A 47 -9.02 44.71 -21.91
CA ALA A 47 -7.73 44.49 -21.26
C ALA A 47 -7.38 43.02 -21.05
N ILE A 48 -8.33 42.26 -20.53
CA ILE A 48 -8.09 40.85 -20.30
C ILE A 48 -8.17 40.09 -21.62
N LEU A 49 -9.16 40.40 -22.43
CA LEU A 49 -9.29 39.72 -23.71
C LEU A 49 -7.97 39.81 -24.48
N LYS A 50 -7.35 40.98 -24.42
CA LYS A 50 -6.09 41.23 -25.11
C LYS A 50 -4.96 40.37 -24.55
N LYS A 51 -5.07 40.06 -23.26
CA LYS A 51 -4.09 39.23 -22.57
C LYS A 51 -4.34 37.76 -22.91
N VAL A 52 -5.61 37.38 -22.98
CA VAL A 52 -5.98 36.01 -23.33
C VAL A 52 -5.52 35.70 -24.74
N ILE A 53 -5.78 36.62 -25.67
CA ILE A 53 -5.37 36.46 -27.07
C ILE A 53 -3.85 36.25 -27.15
N GLN A 54 -3.12 36.94 -26.29
CA GLN A 54 -1.67 36.86 -26.25
C GLN A 54 -1.22 35.44 -25.86
N TRP A 55 -1.82 34.90 -24.81
CA TRP A 55 -1.48 33.57 -24.34
C TRP A 55 -1.85 32.52 -25.39
N CYS A 56 -2.96 32.74 -26.10
CA CYS A 56 -3.39 31.78 -27.11
C CYS A 56 -2.53 31.73 -28.36
N THR A 57 -2.10 32.88 -28.86
CA THR A 57 -1.27 32.89 -30.07
C THR A 57 0.06 32.17 -29.78
N HIS A 58 0.45 32.17 -28.51
CA HIS A 58 1.68 31.51 -28.09
C HIS A 58 1.52 29.99 -27.99
N HIS A 59 0.35 29.47 -28.38
CA HIS A 59 0.09 28.04 -28.33
C HIS A 59 -0.69 27.54 -29.55
N ASP A 69 0.38 18.37 -14.47
CA ASP A 69 1.35 18.79 -15.47
C ASP A 69 2.32 19.82 -14.88
N ASP A 70 3.20 20.36 -15.72
CA ASP A 70 4.21 21.34 -15.27
C ASP A 70 3.97 22.73 -15.88
N ILE A 71 4.50 23.77 -15.25
CA ILE A 71 4.32 25.13 -15.75
C ILE A 71 5.51 25.70 -16.52
N PRO A 72 5.34 25.88 -17.84
CA PRO A 72 6.41 26.42 -18.69
C PRO A 72 7.06 27.68 -18.10
N VAL A 73 8.16 28.09 -18.71
CA VAL A 73 8.89 29.28 -18.26
C VAL A 73 8.27 30.53 -18.84
N TRP A 74 7.58 30.39 -19.97
CA TRP A 74 6.93 31.54 -20.59
C TRP A 74 5.65 31.91 -19.86
N ASP A 75 4.87 30.91 -19.50
CA ASP A 75 3.63 31.10 -18.78
C ASP A 75 3.95 31.67 -17.41
N GLN A 76 5.04 31.18 -16.82
CA GLN A 76 5.48 31.62 -15.50
C GLN A 76 5.79 33.11 -15.51
N GLU A 77 6.38 33.58 -16.60
CA GLU A 77 6.74 34.98 -16.75
C GLU A 77 5.49 35.79 -17.12
N PHE A 78 4.73 35.26 -18.08
CA PHE A 78 3.50 35.89 -18.55
C PHE A 78 2.51 36.10 -17.42
N LEU A 79 2.50 35.18 -16.46
CA LEU A 79 1.58 35.28 -15.34
C LEU A 79 2.25 35.91 -14.12
N LYS A 80 3.40 36.54 -14.34
CA LYS A 80 4.11 37.19 -13.24
C LYS A 80 3.37 38.48 -12.90
N VAL A 81 2.10 38.54 -13.31
CA VAL A 81 1.25 39.69 -13.07
C VAL A 81 0.88 39.81 -11.59
N ASP A 82 -0.08 40.68 -11.30
CA ASP A 82 -0.53 40.90 -9.93
C ASP A 82 -1.84 40.17 -9.66
N GLN A 83 -2.17 40.01 -8.38
CA GLN A 83 -3.42 39.35 -8.01
C GLN A 83 -4.55 40.19 -8.58
N GLY A 84 -5.64 39.55 -8.97
CA GLY A 84 -6.74 40.31 -9.53
C GLY A 84 -6.66 40.15 -11.03
N THR A 85 -5.48 40.39 -11.58
CA THR A 85 -5.30 40.18 -13.01
C THR A 85 -5.34 38.67 -13.16
N LEU A 86 -4.68 37.99 -12.23
CA LEU A 86 -4.63 36.54 -12.23
C LEU A 86 -6.05 36.05 -12.03
N PHE A 87 -6.75 36.74 -11.12
CA PHE A 87 -8.13 36.46 -10.77
C PHE A 87 -9.03 36.65 -11.99
N GLU A 88 -8.69 37.66 -12.79
CA GLU A 88 -9.45 37.96 -14.01
C GLU A 88 -9.19 36.92 -15.09
N LEU A 89 -7.94 36.48 -15.17
CA LEU A 89 -7.55 35.48 -16.15
C LEU A 89 -8.24 34.14 -15.85
N ILE A 90 -8.32 33.77 -14.58
CA ILE A 90 -8.99 32.54 -14.19
C ILE A 90 -10.47 32.58 -14.63
N LEU A 91 -11.12 33.74 -14.42
CA LEU A 91 -12.52 33.87 -14.80
C LEU A 91 -12.72 33.94 -16.30
N ALA A 92 -11.85 34.66 -17.01
CA ALA A 92 -11.97 34.78 -18.47
C ALA A 92 -11.70 33.41 -19.08
N ALA A 93 -10.75 32.70 -18.50
CA ALA A 93 -10.40 31.37 -18.97
C ALA A 93 -11.59 30.43 -18.72
N ASN A 94 -12.20 30.53 -17.55
CA ASN A 94 -13.34 29.67 -17.25
C ASN A 94 -14.50 30.02 -18.17
N TYR A 95 -14.78 31.31 -18.27
CA TYR A 95 -15.88 31.82 -19.10
C TYR A 95 -15.65 31.45 -20.56
N LEU A 96 -14.44 31.72 -21.05
CA LEU A 96 -14.09 31.42 -22.43
C LEU A 96 -13.90 29.92 -22.68
N ASP A 97 -13.63 29.18 -21.61
CA ASP A 97 -13.41 27.74 -21.66
C ASP A 97 -12.11 27.42 -22.41
N ILE A 98 -11.00 27.79 -21.78
CA ILE A 98 -9.67 27.56 -22.32
C ILE A 98 -8.94 26.75 -21.25
N LYS A 99 -9.12 25.43 -21.33
CA LYS A 99 -8.53 24.46 -20.40
C LYS A 99 -7.08 24.77 -20.06
N GLY A 100 -6.29 25.02 -21.10
CA GLY A 100 -4.89 25.33 -20.90
C GLY A 100 -4.65 26.53 -20.00
N LEU A 101 -5.26 27.66 -20.36
CA LEU A 101 -5.09 28.89 -19.58
C LEU A 101 -5.61 28.70 -18.15
N LEU A 102 -6.79 28.09 -18.04
CA LEU A 102 -7.39 27.88 -16.74
C LEU A 102 -6.46 27.11 -15.81
N ASP A 103 -5.92 25.99 -16.30
CA ASP A 103 -5.02 25.15 -15.52
C ASP A 103 -3.78 25.89 -15.07
N VAL A 104 -3.11 26.53 -16.03
CA VAL A 104 -1.89 27.29 -15.77
C VAL A 104 -2.03 28.39 -14.72
N THR A 105 -3.16 29.12 -14.77
CA THR A 105 -3.42 30.19 -13.83
C THR A 105 -3.81 29.67 -12.46
N CYS A 106 -4.70 28.68 -12.43
CA CYS A 106 -5.12 28.09 -11.16
C CYS A 106 -3.93 27.47 -10.47
N LYS A 107 -3.11 26.77 -11.24
CA LYS A 107 -1.93 26.13 -10.71
C LYS A 107 -1.04 27.19 -10.05
N THR A 108 -0.84 28.30 -10.76
CA THR A 108 -0.02 29.39 -10.25
C THR A 108 -0.51 29.89 -8.88
N VAL A 109 -1.82 29.88 -8.68
CA VAL A 109 -2.38 30.33 -7.41
C VAL A 109 -2.07 29.29 -6.33
N ALA A 110 -2.22 28.02 -6.69
CA ALA A 110 -1.95 26.94 -5.74
C ALA A 110 -0.52 27.05 -5.23
N ASN A 111 0.42 27.26 -6.15
CA ASN A 111 1.82 27.37 -5.76
C ASN A 111 2.05 28.46 -4.73
N MET A 112 1.12 29.40 -4.63
CA MET A 112 1.25 30.47 -3.65
C MET A 112 0.92 29.95 -2.24
N ILE A 113 0.24 28.79 -2.20
CA ILE A 113 -0.17 28.17 -0.94
C ILE A 113 0.81 27.10 -0.46
N LYS A 114 1.35 26.36 -1.43
CA LYS A 114 2.29 25.27 -1.15
C LYS A 114 3.39 25.68 -0.22
N GLY A 115 3.49 25.18 0.97
CA GLY A 115 4.74 25.69 1.46
C GLY A 115 4.72 26.37 2.68
N LYS A 116 3.46 25.99 2.96
CA LYS A 116 2.89 26.05 4.22
C LYS A 116 2.11 26.75 5.34
N THR A 117 2.83 27.31 6.33
CA THR A 117 2.14 27.80 7.54
C THR A 117 0.80 28.47 7.30
N PRO A 118 -0.21 28.18 8.14
CA PRO A 118 -1.50 28.83 7.95
C PRO A 118 -1.30 30.35 8.15
N GLU A 119 -0.42 30.71 9.09
CA GLU A 119 -0.12 32.11 9.39
C GLU A 119 0.51 32.78 8.17
N GLU A 120 1.32 32.04 7.43
CA GLU A 120 1.97 32.58 6.25
C GLU A 120 1.03 32.61 5.06
N ILE A 121 0.08 31.69 5.03
CA ILE A 121 -0.89 31.63 3.93
C ILE A 121 -1.72 32.89 3.94
N ARG A 122 -1.95 33.44 5.12
CA ARG A 122 -2.73 34.66 5.27
C ARG A 122 -1.94 35.86 4.75
N LYS A 123 -0.74 36.05 5.28
CA LYS A 123 0.11 37.15 4.86
C LYS A 123 0.14 37.27 3.33
N THR A 124 -0.11 36.15 2.65
CA THR A 124 -0.09 36.12 1.20
C THR A 124 -1.44 36.44 0.55
N PHE A 125 -2.52 36.02 1.20
CA PHE A 125 -3.87 36.24 0.67
C PHE A 125 -4.66 37.18 1.58
N ASN A 126 -3.96 37.76 2.55
CA ASN A 126 -4.54 38.65 3.55
C ASN A 126 -5.27 37.71 4.53
N ILE A 127 -6.56 37.48 4.32
CA ILE A 127 -7.32 36.59 5.18
C ILE A 127 -7.20 36.92 6.66
N LYS A 128 -8.31 36.82 7.36
CA LYS A 128 -8.29 37.09 8.79
C LYS A 128 -8.65 35.85 9.58
N ASN A 129 -7.99 35.67 10.71
CA ASN A 129 -8.24 34.53 11.58
C ASN A 129 -9.57 34.70 12.31
N ASP A 130 -10.66 34.28 11.68
CA ASP A 130 -11.96 34.42 12.32
C ASP A 130 -12.30 33.23 13.19
N PHE A 131 -11.28 32.57 13.73
CA PHE A 131 -11.48 31.41 14.59
C PHE A 131 -11.47 31.87 16.03
N THR A 132 -12.39 31.32 16.82
CA THR A 132 -12.45 31.66 18.23
C THR A 132 -11.39 30.83 18.95
N GLU A 133 -11.04 31.22 20.16
CA GLU A 133 -10.04 30.50 20.96
C GLU A 133 -10.13 28.99 20.78
N GLU A 134 -11.29 28.45 21.14
CA GLU A 134 -11.55 27.03 21.06
C GLU A 134 -11.53 26.48 19.64
N GLU A 135 -12.28 27.12 18.75
CA GLU A 135 -12.34 26.68 17.36
C GLU A 135 -10.97 26.49 16.73
N GLU A 136 -10.07 27.46 16.90
CA GLU A 136 -8.74 27.35 16.31
C GLU A 136 -8.03 26.10 16.81
N ALA A 137 -8.12 25.86 18.11
CA ALA A 137 -7.50 24.68 18.72
C ALA A 137 -8.02 23.44 18.00
N GLN A 138 -9.35 23.29 17.98
CA GLN A 138 -10.00 22.17 17.32
C GLN A 138 -9.50 21.97 15.90
N VAL A 139 -9.43 23.06 15.13
CA VAL A 139 -9.00 22.98 13.74
C VAL A 139 -7.54 22.55 13.62
N ARG A 140 -6.71 23.03 14.52
CA ARG A 140 -5.29 22.70 14.52
C ARG A 140 -5.09 21.21 14.82
N LYS A 141 -5.90 20.68 15.73
CA LYS A 141 -5.82 19.27 16.10
C LYS A 141 -6.27 18.38 14.94
N GLU A 142 -7.47 18.64 14.44
CA GLU A 142 -8.03 17.87 13.33
C GLU A 142 -7.13 17.72 12.13
N ASN A 143 -6.44 18.81 11.78
CA ASN A 143 -5.56 18.85 10.61
C ASN A 143 -4.09 18.76 10.99
N GLN A 144 -3.84 18.08 12.09
CA GLN A 144 -2.49 17.84 12.61
C GLN A 144 -1.69 16.93 11.66
N TRP A 145 -0.50 17.38 11.26
CA TRP A 145 0.35 16.59 10.37
C TRP A 145 1.52 15.98 11.15
N CYS A 146 1.93 14.76 10.78
CA CYS A 146 3.01 14.05 11.47
C CYS A 146 2.48 13.61 12.83
N THR B 1 -23.23 21.18 -3.23
CA THR B 1 -23.93 20.79 -1.97
C THR B 1 -22.90 20.46 -0.89
N GLN B 2 -23.35 20.37 0.36
CA GLN B 2 -22.48 20.07 1.49
C GLN B 2 -21.55 21.23 1.78
N VAL B 3 -20.93 21.77 0.74
CA VAL B 3 -20.04 22.91 0.91
C VAL B 3 -20.94 24.15 0.96
N LYS B 4 -22.07 24.08 0.26
CA LYS B 4 -23.02 25.18 0.25
C LYS B 4 -23.73 25.21 1.59
N HIS B 5 -24.16 24.03 2.04
CA HIS B 5 -24.83 23.89 3.33
C HIS B 5 -24.04 24.59 4.44
N MET B 6 -22.73 24.35 4.43
CA MET B 6 -21.83 24.93 5.41
C MET B 6 -21.82 26.44 5.34
N MET B 7 -21.74 26.97 4.13
CA MET B 7 -21.71 28.41 3.93
C MET B 7 -22.99 29.09 4.43
N GLN B 8 -24.14 28.50 4.11
CA GLN B 8 -25.42 29.07 4.55
C GLN B 8 -25.60 29.02 6.06
N VAL B 9 -25.29 27.87 6.65
CA VAL B 9 -25.45 27.67 8.08
C VAL B 9 -24.42 28.33 8.98
N ILE B 10 -23.16 28.36 8.55
CA ILE B 10 -22.12 28.97 9.35
C ILE B 10 -22.02 30.50 9.12
N GLU B 11 -22.24 30.92 7.87
CA GLU B 11 -22.20 32.33 7.52
C GLU B 11 -20.88 33.00 7.92
N PRO B 12 -19.78 32.65 7.23
CA PRO B 12 -18.47 33.25 7.53
C PRO B 12 -18.45 34.74 7.18
N GLN B 13 -18.80 35.04 5.92
CA GLN B 13 -18.87 36.39 5.36
C GLN B 13 -17.71 37.38 5.54
N PHE B 14 -17.54 38.18 4.49
CA PHE B 14 -16.51 39.20 4.36
C PHE B 14 -15.07 38.73 4.44
N GLN B 15 -14.54 38.33 3.30
CA GLN B 15 -13.16 37.90 3.21
C GLN B 15 -12.53 38.68 2.08
N ARG B 16 -11.37 39.26 2.38
CA ARG B 16 -10.65 40.07 1.41
C ARG B 16 -9.63 39.22 0.68
N ASP B 17 -9.88 37.91 0.57
CA ASP B 17 -8.92 37.04 -0.10
C ASP B 17 -9.31 36.48 -1.46
N PHE B 18 -8.28 36.25 -2.25
CA PHE B 18 -8.40 35.72 -3.60
C PHE B 18 -9.35 34.51 -3.75
N ILE B 19 -9.18 33.47 -2.93
CA ILE B 19 -10.02 32.29 -3.11
C ILE B 19 -11.44 32.36 -2.54
N SER B 20 -11.63 33.17 -1.50
CA SER B 20 -12.96 33.32 -0.91
C SER B 20 -13.89 34.07 -1.88
N LEU B 21 -13.30 34.87 -2.76
CA LEU B 21 -14.06 35.65 -3.72
C LEU B 21 -14.28 34.93 -5.04
N LEU B 22 -13.56 33.84 -5.26
CA LEU B 22 -13.72 33.06 -6.49
C LEU B 22 -14.97 32.22 -6.42
N PRO B 23 -15.56 31.93 -7.58
CA PRO B 23 -16.77 31.08 -7.55
C PRO B 23 -16.35 29.74 -6.90
N LYS B 24 -17.18 29.19 -6.03
CA LYS B 24 -16.87 27.93 -5.34
C LYS B 24 -16.12 26.91 -6.18
N GLU B 25 -16.66 26.56 -7.34
CA GLU B 25 -16.03 25.58 -8.21
C GLU B 25 -14.59 25.88 -8.58
N LEU B 26 -14.31 27.11 -8.98
CA LEU B 26 -12.96 27.47 -9.37
C LEU B 26 -12.03 27.51 -8.17
N ALA B 27 -12.58 27.75 -6.99
CA ALA B 27 -11.72 27.77 -5.81
C ALA B 27 -11.33 26.30 -5.62
N LEU B 28 -12.31 25.42 -5.85
CA LEU B 28 -12.00 24.01 -5.67
C LEU B 28 -11.01 23.53 -6.76
N TYR B 29 -11.18 23.98 -8.00
CA TYR B 29 -10.28 23.52 -9.05
C TYR B 29 -8.91 23.91 -8.60
N VAL B 30 -8.74 25.09 -7.99
CA VAL B 30 -7.43 25.52 -7.50
C VAL B 30 -6.89 24.65 -6.36
N LEU B 31 -7.67 24.45 -5.31
CA LEU B 31 -7.23 23.63 -4.16
C LEU B 31 -6.85 22.20 -4.57
N SER B 32 -7.42 21.73 -5.68
CA SER B 32 -7.13 20.38 -6.14
C SER B 32 -5.66 20.22 -6.58
N PHE B 33 -4.98 21.33 -6.87
CA PHE B 33 -3.57 21.25 -7.29
C PHE B 33 -2.64 21.12 -6.10
N LEU B 34 -3.21 21.15 -4.90
CA LEU B 34 -2.41 21.03 -3.70
C LEU B 34 -2.30 19.59 -3.23
N GLU B 35 -1.35 19.33 -2.35
CA GLU B 35 -1.16 17.98 -1.82
C GLU B 35 -1.78 17.98 -0.42
N PRO B 36 -2.23 16.81 0.04
CA PRO B 36 -2.83 16.66 1.36
C PRO B 36 -2.19 17.50 2.46
N LYS B 37 -0.86 17.59 2.45
CA LYS B 37 -0.15 18.34 3.46
C LYS B 37 -0.49 19.82 3.39
N ASP B 38 -0.69 20.29 2.16
CA ASP B 38 -1.04 21.69 1.93
C ASP B 38 -2.49 21.92 2.33
N LEU B 39 -3.40 21.11 1.79
CA LEU B 39 -4.81 21.24 2.09
C LEU B 39 -5.06 21.29 3.59
N LEU B 40 -4.22 20.60 4.36
CA LEU B 40 -4.43 20.58 5.80
C LEU B 40 -3.99 21.89 6.45
N GLN B 41 -3.02 22.57 5.86
CA GLN B 41 -2.56 23.83 6.42
C GLN B 41 -3.54 24.92 5.98
N ALA B 42 -3.95 24.84 4.71
CA ALA B 42 -4.89 25.79 4.12
C ALA B 42 -6.17 25.81 4.94
N ALA B 43 -6.58 24.63 5.42
CA ALA B 43 -7.80 24.52 6.19
C ALA B 43 -7.73 25.19 7.55
N GLN B 44 -6.54 25.60 7.98
CA GLN B 44 -6.39 26.27 9.27
C GLN B 44 -6.30 27.79 9.10
N THR B 45 -6.46 28.22 7.86
CA THR B 45 -6.41 29.64 7.51
C THR B 45 -7.58 30.40 8.12
N CYS B 46 -8.80 30.04 7.71
CA CYS B 46 -10.01 30.69 8.19
C CYS B 46 -11.20 29.77 7.92
N ARG B 47 -12.34 30.08 8.54
CA ARG B 47 -13.54 29.28 8.37
C ARG B 47 -13.96 29.11 6.93
N TYR B 48 -13.78 30.15 6.13
CA TYR B 48 -14.20 29.99 4.75
C TYR B 48 -13.35 28.87 4.17
N TRP B 49 -12.02 29.03 4.25
CA TRP B 49 -11.09 28.03 3.73
C TRP B 49 -11.32 26.65 4.28
N ARG B 50 -11.47 26.54 5.60
CA ARG B 50 -11.72 25.25 6.22
C ARG B 50 -12.92 24.56 5.55
N ILE B 51 -14.01 25.28 5.38
CA ILE B 51 -15.18 24.69 4.74
C ILE B 51 -14.87 24.23 3.32
N LEU B 52 -14.07 25.00 2.58
CA LEU B 52 -13.73 24.61 1.22
C LEU B 52 -12.85 23.36 1.19
N ALA B 53 -11.70 23.45 1.86
CA ALA B 53 -10.74 22.35 1.93
C ALA B 53 -11.38 21.06 2.45
N GLU B 54 -12.54 21.17 3.07
CA GLU B 54 -13.22 20.01 3.62
C GLU B 54 -14.21 19.42 2.67
N ASP B 55 -14.03 19.70 1.38
CA ASP B 55 -14.93 19.21 0.34
C ASP B 55 -15.34 17.76 0.58
N ASN B 56 -14.81 16.83 -0.20
CA ASN B 56 -15.14 15.41 -0.06
C ASN B 56 -14.71 14.73 -1.33
N LEU B 57 -15.21 15.21 -2.45
CA LEU B 57 -14.80 14.64 -3.72
C LEU B 57 -13.33 15.00 -3.90
N LEU B 58 -12.91 16.06 -3.22
CA LEU B 58 -11.53 16.51 -3.30
C LEU B 58 -10.65 15.48 -2.61
N TRP B 59 -11.14 14.97 -1.49
CA TRP B 59 -10.42 13.98 -0.72
C TRP B 59 -10.62 12.56 -1.23
N ARG B 60 -11.78 12.29 -1.83
CA ARG B 60 -12.03 10.96 -2.35
C ARG B 60 -10.93 10.65 -3.33
N GLU B 61 -10.49 11.65 -4.07
CA GLU B 61 -9.45 11.42 -5.04
C GLU B 61 -8.07 11.40 -4.40
N LYS B 62 -7.85 12.22 -3.38
CA LYS B 62 -6.55 12.21 -2.72
C LYS B 62 -6.35 10.86 -2.06
N CYS B 63 -7.46 10.20 -1.74
CA CYS B 63 -7.42 8.88 -1.12
C CYS B 63 -7.16 7.84 -2.21
N LYS B 64 -7.72 8.05 -3.39
CA LYS B 64 -7.52 7.14 -4.51
C LYS B 64 -6.06 7.21 -4.94
N GLU B 65 -5.33 8.15 -4.33
CA GLU B 65 -3.92 8.37 -4.61
C GLU B 65 -3.12 7.46 -3.70
N GLU B 66 -3.41 7.52 -2.41
CA GLU B 66 -2.74 6.67 -1.42
C GLU B 66 -3.39 5.29 -1.41
N GLY B 67 -4.29 5.05 -2.36
CA GLY B 67 -4.99 3.78 -2.43
C GLY B 67 -5.78 3.52 -1.16
N ILE B 68 -6.86 4.27 -0.96
CA ILE B 68 -7.70 4.10 0.23
C ILE B 68 -8.99 3.37 -0.13
N ASP B 69 -9.65 3.79 -1.21
CA ASP B 69 -10.87 3.14 -1.69
C ASP B 69 -12.09 3.12 -0.76
N GLU B 70 -11.86 3.15 0.55
CA GLU B 70 -12.96 3.12 1.51
C GLU B 70 -12.96 4.30 2.47
N PRO B 71 -14.05 5.09 2.48
CA PRO B 71 -14.15 6.25 3.38
C PRO B 71 -14.41 5.77 4.79
N LEU B 72 -14.04 6.60 5.77
CA LEU B 72 -14.23 6.28 7.17
C LEU B 72 -15.41 7.06 7.74
N HIS B 73 -16.36 6.34 8.31
CA HIS B 73 -17.54 6.99 8.89
C HIS B 73 -17.52 6.94 10.41
N ILE B 74 -17.04 8.02 11.02
CA ILE B 74 -16.97 8.12 12.48
C ILE B 74 -18.38 8.39 13.02
N LYS B 75 -18.50 8.55 14.33
CA LYS B 75 -19.79 8.85 14.95
C LYS B 75 -19.65 9.67 16.23
N ARG B 76 -20.44 10.74 16.29
CA ARG B 76 -20.48 11.67 17.41
C ARG B 76 -19.09 12.03 17.92
N VAL B 79 -20.37 16.61 19.10
CA VAL B 79 -21.69 17.17 18.89
C VAL B 79 -21.69 18.69 19.12
N ILE B 80 -20.49 19.26 19.26
CA ILE B 80 -20.27 20.69 19.52
C ILE B 80 -21.25 21.58 18.75
N LYS B 81 -21.30 22.87 19.11
CA LYS B 81 -22.21 23.80 18.43
C LYS B 81 -21.80 24.09 16.98
N PRO B 82 -21.79 25.38 16.52
CA PRO B 82 -21.40 25.55 15.10
C PRO B 82 -20.95 24.27 14.41
N GLY B 83 -21.95 23.53 13.92
CA GLY B 83 -21.70 22.27 13.25
C GLY B 83 -20.75 22.31 12.08
N PHE B 84 -20.19 21.16 11.75
CA PHE B 84 -19.25 21.05 10.65
C PHE B 84 -19.57 19.73 9.98
N ILE B 85 -19.65 19.73 8.65
CA ILE B 85 -19.93 18.50 7.92
C ILE B 85 -18.61 17.87 7.47
N HIS B 86 -18.04 17.04 8.34
CA HIS B 86 -16.78 16.38 8.05
C HIS B 86 -16.89 15.47 6.84
N SER B 87 -15.81 15.40 6.08
CA SER B 87 -15.76 14.54 4.90
C SER B 87 -15.23 13.18 5.35
N PRO B 88 -15.95 12.09 5.01
CA PRO B 88 -15.53 10.74 5.37
C PRO B 88 -14.18 10.39 4.71
N TRP B 89 -14.04 10.78 3.45
CA TRP B 89 -12.80 10.52 2.73
C TRP B 89 -11.63 11.22 3.39
N LYS B 90 -11.84 12.46 3.81
CA LYS B 90 -10.76 13.19 4.44
C LYS B 90 -10.34 12.54 5.75
N SER B 91 -11.30 12.11 6.56
CA SER B 91 -10.93 11.49 7.82
C SER B 91 -10.28 10.11 7.55
N ALA B 92 -10.70 9.45 6.47
CA ALA B 92 -10.11 8.18 6.11
C ALA B 92 -8.63 8.43 5.82
N TYR B 93 -8.34 9.54 5.14
CA TYR B 93 -6.96 9.89 4.80
C TYR B 93 -6.15 10.16 6.06
N ILE B 94 -6.66 11.00 6.94
CA ILE B 94 -5.95 11.32 8.16
C ILE B 94 -5.72 10.08 9.02
N ARG B 95 -6.73 9.20 9.07
CA ARG B 95 -6.60 7.97 9.83
C ARG B 95 -5.31 7.26 9.40
N GLN B 96 -5.23 6.95 8.11
CA GLN B 96 -4.08 6.25 7.55
C GLN B 96 -2.78 6.98 7.87
N HIS B 97 -2.79 8.30 7.73
CA HIS B 97 -1.62 9.13 8.00
C HIS B 97 -1.17 8.91 9.43
N ARG B 98 -2.14 8.81 10.33
CA ARG B 98 -1.84 8.62 11.73
C ARG B 98 -1.35 7.21 12.00
N ILE B 99 -1.89 6.24 11.28
CA ILE B 99 -1.44 4.87 11.44
C ILE B 99 0.01 4.78 10.98
N ASP B 100 0.33 5.31 9.80
CA ASP B 100 1.70 5.26 9.32
C ASP B 100 2.64 5.87 10.35
N THR B 101 2.26 7.01 10.88
CA THR B 101 3.08 7.70 11.85
C THR B 101 3.19 6.84 13.09
N ASN B 102 2.11 6.19 13.45
CA ASN B 102 2.14 5.36 14.62
C ASN B 102 3.20 4.24 14.48
N TRP B 103 3.27 3.58 13.31
CA TRP B 103 4.26 2.51 13.08
C TRP B 103 5.64 3.11 13.14
N ARG B 104 5.76 4.25 12.48
CA ARG B 104 7.02 4.97 12.32
C ARG B 104 7.67 5.50 13.59
N ARG B 105 6.94 6.27 14.39
CA ARG B 105 7.52 6.84 15.60
C ARG B 105 6.61 6.87 16.80
N GLY B 106 5.41 6.30 16.68
CA GLY B 106 4.50 6.30 17.80
C GLY B 106 4.92 5.39 18.94
N GLU B 107 4.73 5.86 20.16
CA GLU B 107 5.07 5.11 21.35
C GLU B 107 4.67 3.63 21.20
N LEU B 108 5.59 2.74 21.56
CA LEU B 108 5.32 1.32 21.47
C LEU B 108 4.48 0.81 22.65
N LYS B 109 3.20 0.57 22.39
CA LYS B 109 2.30 0.05 23.43
C LYS B 109 2.71 -1.41 23.69
N SER B 110 2.88 -1.78 24.96
CA SER B 110 3.26 -3.15 25.27
C SER B 110 2.29 -4.12 24.57
N PRO B 111 2.83 -5.13 23.89
CA PRO B 111 1.98 -6.08 23.18
C PRO B 111 1.25 -7.12 24.00
N LYS B 112 0.18 -7.65 23.43
CA LYS B 112 -0.55 -8.72 24.08
C LYS B 112 0.36 -9.93 23.94
N VAL B 113 0.47 -10.72 25.01
CA VAL B 113 1.30 -11.89 24.99
C VAL B 113 0.36 -13.08 24.87
N LEU B 114 0.67 -14.02 23.98
CA LEU B 114 -0.17 -15.19 23.80
C LEU B 114 0.69 -16.41 24.01
N LYS B 115 0.77 -16.88 25.26
CA LYS B 115 1.56 -18.04 25.62
C LYS B 115 0.96 -19.30 25.01
N GLY B 116 1.80 -20.13 24.41
CA GLY B 116 1.30 -21.34 23.79
C GLY B 116 2.43 -22.13 23.16
N HIS B 117 2.19 -23.40 22.90
CA HIS B 117 3.19 -24.25 22.29
C HIS B 117 4.44 -24.36 23.14
N ASP B 118 4.26 -24.37 24.47
CA ASP B 118 5.37 -24.46 25.43
C ASP B 118 6.52 -25.34 24.97
N ASP B 119 7.74 -24.84 25.15
CA ASP B 119 8.97 -25.56 24.80
C ASP B 119 9.02 -26.11 23.38
N HIS B 120 8.20 -25.55 22.50
CA HIS B 120 8.20 -25.99 21.11
C HIS B 120 8.31 -24.79 20.19
N VAL B 121 8.44 -25.09 18.89
CA VAL B 121 8.57 -24.09 17.85
C VAL B 121 7.26 -23.79 17.10
N ILE B 122 7.05 -22.51 16.76
CA ILE B 122 5.90 -22.13 16.00
C ILE B 122 6.46 -22.13 14.58
N THR B 123 6.13 -23.18 13.82
CA THR B 123 6.62 -23.38 12.46
C THR B 123 5.90 -22.67 11.32
N CYS B 124 4.68 -22.21 11.54
CA CYS B 124 3.95 -21.55 10.47
C CYS B 124 2.93 -20.60 11.11
N LEU B 125 2.69 -19.47 10.44
CA LEU B 125 1.81 -18.45 11.02
C LEU B 125 0.85 -17.91 9.98
N GLN B 126 -0.39 -17.69 10.40
CA GLN B 126 -1.40 -17.16 9.51
C GLN B 126 -2.15 -16.07 10.25
N PHE B 127 -2.42 -14.98 9.56
CA PHE B 127 -3.12 -13.84 10.14
C PHE B 127 -4.15 -13.37 9.12
N CYS B 128 -5.41 -13.61 9.44
CA CYS B 128 -6.51 -13.26 8.53
C CYS B 128 -7.60 -12.57 9.34
N GLY B 129 -7.85 -11.30 9.05
CA GLY B 129 -8.86 -10.55 9.78
C GLY B 129 -8.53 -10.46 11.26
N ASN B 130 -9.40 -10.97 12.10
CA ASN B 130 -9.16 -10.94 13.54
C ASN B 130 -8.70 -12.29 14.07
N ARG B 131 -8.41 -13.23 13.16
CA ARG B 131 -7.95 -14.55 13.55
C ARG B 131 -6.46 -14.82 13.27
N ILE B 132 -5.75 -15.29 14.29
CA ILE B 132 -4.35 -15.64 14.12
C ILE B 132 -4.28 -17.17 14.26
N VAL B 133 -3.47 -17.82 13.44
CA VAL B 133 -3.31 -19.27 13.53
C VAL B 133 -1.85 -19.67 13.60
N SER B 134 -1.44 -20.22 14.75
CA SER B 134 -0.09 -20.69 14.98
C SER B 134 0.00 -22.19 14.76
N GLY B 135 1.07 -22.62 14.09
CA GLY B 135 1.31 -24.03 13.84
C GLY B 135 2.60 -24.41 14.55
N SER B 136 2.66 -25.63 15.08
CA SER B 136 3.84 -26.04 15.83
C SER B 136 4.30 -27.49 15.64
N ASP B 137 5.57 -27.73 15.94
CA ASP B 137 6.09 -29.08 15.86
C ASP B 137 5.68 -29.82 17.14
N ASP B 138 4.79 -29.20 17.92
CA ASP B 138 4.27 -29.85 19.11
C ASP B 138 3.05 -30.66 18.69
N ASN B 139 2.85 -30.76 17.37
CA ASN B 139 1.75 -31.53 16.75
C ASN B 139 0.40 -30.80 16.64
N THR B 140 0.30 -29.60 17.20
CA THR B 140 -0.95 -28.85 17.17
C THR B 140 -0.91 -27.50 16.46
N LEU B 141 -2.08 -26.86 16.39
CA LEU B 141 -2.26 -25.54 15.82
C LEU B 141 -3.18 -24.84 16.81
N LYS B 142 -3.07 -23.53 16.92
CA LYS B 142 -3.98 -22.84 17.82
C LYS B 142 -4.60 -21.64 17.11
N VAL B 143 -5.93 -21.52 17.18
CA VAL B 143 -6.61 -20.39 16.55
C VAL B 143 -6.73 -19.32 17.64
N TRP B 144 -6.25 -18.10 17.38
CA TRP B 144 -6.33 -17.03 18.37
C TRP B 144 -7.10 -15.81 17.89
N SER B 145 -7.44 -14.94 18.82
CA SER B 145 -8.11 -13.69 18.50
C SER B 145 -7.06 -12.59 18.58
N ALA B 146 -6.77 -11.96 17.45
CA ALA B 146 -5.80 -10.87 17.42
C ALA B 146 -6.33 -9.75 18.31
N VAL B 147 -7.65 -9.71 18.45
CA VAL B 147 -8.31 -8.67 19.23
C VAL B 147 -8.22 -8.82 20.76
N THR B 148 -8.53 -10.01 21.26
CA THR B 148 -8.51 -10.24 22.71
C THR B 148 -7.24 -10.92 23.19
N GLY B 149 -6.57 -11.62 22.29
CA GLY B 149 -5.35 -12.30 22.66
C GLY B 149 -5.65 -13.65 23.29
N LYS B 150 -6.91 -14.06 23.23
CA LYS B 150 -7.31 -15.35 23.80
C LYS B 150 -7.20 -16.49 22.80
N CYS B 151 -6.94 -17.69 23.30
CA CYS B 151 -6.86 -18.85 22.44
C CYS B 151 -8.29 -19.35 22.27
N LEU B 152 -8.77 -19.37 21.04
CA LEU B 152 -10.14 -19.78 20.77
C LEU B 152 -10.24 -21.27 20.65
N ARG B 153 -9.26 -21.88 19.99
CA ARG B 153 -9.28 -23.31 19.81
C ARG B 153 -7.88 -23.87 19.62
N THR B 154 -7.76 -25.17 19.79
CA THR B 154 -6.50 -25.88 19.63
C THR B 154 -6.83 -27.07 18.76
N LEU B 155 -6.30 -27.06 17.54
CA LEU B 155 -6.58 -28.14 16.62
C LEU B 155 -5.73 -29.36 16.90
N VAL B 156 -6.26 -30.26 17.73
CA VAL B 156 -5.52 -31.50 18.02
C VAL B 156 -5.98 -32.58 17.06
N GLY B 157 -5.03 -33.31 16.50
CA GLY B 157 -5.38 -34.37 15.59
C GLY B 157 -4.19 -34.99 14.90
N HIS B 158 -3.23 -34.18 14.48
CA HIS B 158 -2.04 -34.69 13.79
C HIS B 158 -1.20 -35.56 14.74
N THR B 159 -0.46 -36.51 14.20
CA THR B 159 0.41 -37.38 15.03
C THR B 159 1.86 -37.08 14.69
N GLY B 160 2.09 -35.86 14.26
CA GLY B 160 3.42 -35.45 13.89
C GLY B 160 3.46 -33.95 14.07
N GLY B 161 4.59 -33.35 13.75
CA GLY B 161 4.67 -31.91 13.90
C GLY B 161 4.07 -31.23 12.69
N VAL B 162 3.48 -30.07 12.92
CA VAL B 162 2.91 -29.30 11.84
C VAL B 162 4.03 -28.41 11.26
N TRP B 163 4.24 -28.47 9.95
CA TRP B 163 5.26 -27.65 9.35
C TRP B 163 4.75 -26.68 8.31
N SER B 164 3.44 -26.68 8.09
CA SER B 164 2.88 -25.75 7.12
C SER B 164 1.39 -25.56 7.32
N SER B 165 0.89 -24.45 6.82
CA SER B 165 -0.53 -24.16 6.95
C SER B 165 -0.94 -23.12 5.94
N GLN B 166 -2.25 -22.91 5.86
CA GLN B 166 -2.89 -21.94 4.97
C GLN B 166 -4.22 -21.70 5.62
N MET B 167 -4.79 -20.54 5.35
CA MET B 167 -6.08 -20.18 5.90
C MET B 167 -6.84 -19.22 4.96
N ARG B 168 -8.15 -19.39 4.93
CA ARG B 168 -9.01 -18.51 4.15
C ARG B 168 -10.30 -18.52 4.93
N ASP B 169 -10.47 -17.50 5.77
CA ASP B 169 -11.61 -17.35 6.65
C ASP B 169 -12.41 -18.62 6.93
N ASN B 170 -12.26 -19.10 8.15
CA ASN B 170 -12.90 -20.29 8.66
C ASN B 170 -12.45 -21.65 8.12
N ILE B 171 -11.57 -21.65 7.14
CA ILE B 171 -11.04 -22.91 6.67
C ILE B 171 -9.53 -22.85 6.90
N ILE B 172 -9.03 -23.78 7.69
CA ILE B 172 -7.61 -23.87 7.97
C ILE B 172 -7.08 -25.19 7.40
N ILE B 173 -5.86 -25.15 6.90
CA ILE B 173 -5.26 -26.34 6.33
C ILE B 173 -3.90 -26.55 6.98
N SER B 174 -3.54 -27.80 7.23
CA SER B 174 -2.26 -28.08 7.88
C SER B 174 -1.51 -29.21 7.21
N GLY B 175 -0.19 -29.16 7.30
CA GLY B 175 0.67 -30.17 6.71
C GLY B 175 1.56 -30.66 7.84
N SER B 176 1.60 -31.97 8.05
CA SER B 176 2.37 -32.53 9.15
C SER B 176 3.38 -33.56 8.76
N THR B 177 4.29 -33.87 9.68
CA THR B 177 5.31 -34.89 9.44
C THR B 177 4.63 -36.25 9.38
N ASP B 178 3.41 -36.32 9.90
CA ASP B 178 2.64 -37.55 9.86
C ASP B 178 2.18 -37.88 8.44
N ARG B 179 2.62 -37.08 7.47
CA ARG B 179 2.31 -37.30 6.05
C ARG B 179 0.94 -36.91 5.51
N THR B 180 0.13 -36.28 6.35
CA THR B 180 -1.19 -35.89 5.91
C THR B 180 -1.47 -34.39 6.06
N LEU B 181 -2.42 -33.91 5.24
CA LEU B 181 -2.87 -32.54 5.36
C LEU B 181 -4.17 -32.76 6.08
N LYS B 182 -4.63 -31.73 6.77
CA LYS B 182 -5.91 -31.80 7.42
C LYS B 182 -6.60 -30.49 7.10
N VAL B 183 -7.92 -30.54 6.95
CA VAL B 183 -8.71 -29.36 6.66
C VAL B 183 -9.51 -29.17 7.92
N TRP B 184 -9.49 -27.97 8.47
CA TRP B 184 -10.19 -27.70 9.71
C TRP B 184 -11.25 -26.59 9.61
N ASN B 185 -12.12 -26.56 10.61
CA ASN B 185 -13.14 -25.54 10.68
C ASN B 185 -12.58 -24.67 11.78
N ALA B 186 -12.13 -23.48 11.44
CA ALA B 186 -11.53 -22.59 12.43
C ALA B 186 -12.43 -22.20 13.58
N GLU B 187 -13.73 -22.14 13.32
CA GLU B 187 -14.68 -21.73 14.34
C GLU B 187 -14.97 -22.84 15.36
N THR B 188 -15.31 -24.02 14.86
CA THR B 188 -15.62 -25.17 15.70
C THR B 188 -14.37 -25.98 16.03
N GLY B 189 -13.31 -25.76 15.26
CA GLY B 189 -12.07 -26.46 15.49
C GLY B 189 -12.16 -27.95 15.24
N GLU B 190 -12.94 -28.36 14.25
CA GLU B 190 -13.09 -29.78 13.99
C GLU B 190 -12.43 -30.15 12.69
N CYS B 191 -11.77 -31.31 12.67
CA CYS B 191 -11.13 -31.76 11.44
C CYS B 191 -12.24 -32.21 10.50
N ILE B 192 -12.27 -31.65 9.29
CA ILE B 192 -13.31 -31.98 8.29
C ILE B 192 -12.80 -33.00 7.27
N HIS B 193 -11.50 -33.00 7.05
CA HIS B 193 -10.91 -33.93 6.11
C HIS B 193 -9.49 -34.25 6.58
N THR B 194 -8.97 -35.38 6.13
CA THR B 194 -7.62 -35.77 6.45
C THR B 194 -7.20 -36.25 5.09
N LEU B 195 -6.16 -35.65 4.54
CA LEU B 195 -5.76 -36.01 3.20
C LEU B 195 -4.55 -36.92 3.12
N TYR B 196 -4.79 -38.14 2.62
CA TYR B 196 -3.73 -39.11 2.50
C TYR B 196 -3.23 -39.18 1.08
N GLY B 197 -1.96 -39.54 0.91
CA GLY B 197 -1.40 -39.62 -0.42
C GLY B 197 0.08 -39.37 -0.36
N HIS B 198 0.48 -38.44 0.50
CA HIS B 198 1.90 -38.16 0.66
C HIS B 198 2.48 -39.23 1.58
N THR B 199 3.70 -39.64 1.29
CA THR B 199 4.34 -40.65 2.11
C THR B 199 5.32 -40.01 3.12
N SER B 200 5.92 -38.90 2.71
CA SER B 200 6.86 -38.16 3.53
C SER B 200 6.28 -36.81 3.96
N THR B 201 7.01 -36.10 4.83
CA THR B 201 6.58 -34.80 5.36
C THR B 201 5.95 -33.78 4.42
N VAL B 202 4.81 -33.23 4.85
CA VAL B 202 4.09 -32.20 4.06
C VAL B 202 4.73 -30.89 4.47
N ARG B 203 5.75 -30.54 3.71
CA ARG B 203 6.61 -29.39 3.96
C ARG B 203 6.09 -28.01 3.59
N CYS B 204 5.39 -27.90 2.46
CA CYS B 204 4.85 -26.64 2.01
C CYS B 204 3.49 -26.79 1.31
N MET B 205 2.68 -25.74 1.30
CA MET B 205 1.39 -25.78 0.62
C MET B 205 0.91 -24.36 0.27
N HIS B 206 0.17 -24.24 -0.83
CA HIS B 206 -0.37 -22.96 -1.25
C HIS B 206 -1.84 -23.12 -1.64
N LEU B 207 -2.70 -22.34 -0.98
CA LEU B 207 -4.13 -22.40 -1.22
C LEU B 207 -4.62 -21.34 -2.19
N HIS B 208 -5.44 -21.74 -3.14
CA HIS B 208 -6.05 -20.78 -4.06
C HIS B 208 -7.53 -21.13 -4.18
N GLU B 209 -8.37 -20.36 -3.52
CA GLU B 209 -9.81 -20.59 -3.60
C GLU B 209 -10.23 -21.93 -3.00
N LYS B 210 -10.75 -22.84 -3.81
CA LYS B 210 -11.20 -24.14 -3.30
C LYS B 210 -10.12 -25.22 -3.36
N ARG B 211 -8.99 -24.90 -3.99
CA ARG B 211 -7.92 -25.87 -4.10
C ARG B 211 -6.66 -25.51 -3.34
N VAL B 212 -5.93 -26.53 -2.90
CA VAL B 212 -4.66 -26.33 -2.21
C VAL B 212 -3.66 -27.31 -2.79
N VAL B 213 -2.43 -26.86 -3.00
CA VAL B 213 -1.37 -27.71 -3.52
C VAL B 213 -0.37 -27.94 -2.39
N SER B 214 0.12 -29.16 -2.27
CA SER B 214 1.07 -29.50 -1.22
C SER B 214 2.35 -30.02 -1.81
N GLY B 215 3.45 -29.67 -1.14
CA GLY B 215 4.77 -30.12 -1.55
C GLY B 215 5.24 -31.00 -0.41
N SER B 216 5.97 -32.06 -0.72
CA SER B 216 6.43 -32.96 0.33
C SER B 216 7.88 -33.43 0.19
N ARG B 217 8.39 -34.04 1.25
CA ARG B 217 9.74 -34.57 1.18
C ARG B 217 9.80 -35.78 0.26
N ASP B 218 8.63 -36.35 -0.07
CA ASP B 218 8.56 -37.49 -0.98
C ASP B 218 8.77 -37.09 -2.42
N ALA B 219 9.25 -35.87 -2.65
CA ALA B 219 9.51 -35.39 -4.00
C ALA B 219 8.26 -35.10 -4.89
N THR B 220 7.06 -35.15 -4.33
CA THR B 220 5.89 -34.86 -5.15
C THR B 220 4.98 -33.77 -4.62
N LEU B 221 4.03 -33.36 -5.47
CA LEU B 221 3.03 -32.39 -5.06
C LEU B 221 1.67 -33.00 -5.36
N ARG B 222 0.67 -32.57 -4.61
CA ARG B 222 -0.67 -33.03 -4.81
C ARG B 222 -1.61 -31.82 -4.75
N VAL B 223 -2.66 -31.86 -5.57
CA VAL B 223 -3.64 -30.80 -5.61
C VAL B 223 -4.90 -31.38 -4.98
N TRP B 224 -5.41 -30.70 -3.97
CA TRP B 224 -6.58 -31.17 -3.23
C TRP B 224 -7.77 -30.22 -3.27
N ASP B 225 -8.96 -30.79 -3.19
CA ASP B 225 -10.20 -30.02 -3.17
C ASP B 225 -10.53 -29.89 -1.69
N ILE B 226 -10.55 -28.67 -1.20
CA ILE B 226 -10.82 -28.35 0.20
C ILE B 226 -12.22 -28.73 0.65
N GLU B 227 -13.16 -28.76 -0.29
CA GLU B 227 -14.53 -29.06 0.04
C GLU B 227 -14.79 -30.55 0.10
N THR B 228 -14.32 -31.27 -0.90
CA THR B 228 -14.54 -32.71 -0.95
C THR B 228 -13.31 -33.52 -0.58
N GLY B 229 -12.43 -32.97 0.24
CA GLY B 229 -11.23 -33.68 0.65
C GLY B 229 -10.62 -34.71 -0.31
N GLN B 230 -10.76 -34.53 -1.61
CA GLN B 230 -10.20 -35.46 -2.58
C GLN B 230 -8.89 -34.99 -3.20
N CYS B 231 -8.12 -35.91 -3.78
CA CYS B 231 -6.86 -35.56 -4.42
C CYS B 231 -7.02 -35.58 -5.93
N LEU B 232 -7.15 -34.39 -6.50
CA LEU B 232 -7.36 -34.23 -7.92
C LEU B 232 -6.19 -34.55 -8.80
N HIS B 233 -4.98 -34.14 -8.42
CA HIS B 233 -3.83 -34.45 -9.28
C HIS B 233 -2.54 -34.70 -8.52
N VAL B 234 -1.64 -35.45 -9.14
CA VAL B 234 -0.37 -35.74 -8.52
C VAL B 234 0.71 -35.33 -9.50
N LEU B 235 1.59 -34.44 -9.05
CA LEU B 235 2.66 -33.95 -9.90
C LEU B 235 3.98 -34.64 -9.57
N MET B 236 4.37 -35.57 -10.42
CA MET B 236 5.59 -36.35 -10.21
C MET B 236 6.63 -35.99 -11.27
N GLY B 237 7.85 -35.72 -10.80
CA GLY B 237 8.93 -35.35 -11.70
C GLY B 237 10.14 -34.77 -10.93
N HIS B 238 9.94 -34.44 -9.67
CA HIS B 238 11.03 -33.90 -8.87
C HIS B 238 11.79 -35.06 -8.26
N VAL B 239 13.12 -35.05 -8.40
CA VAL B 239 13.93 -36.12 -7.86
C VAL B 239 14.28 -35.94 -6.38
N ALA B 240 14.24 -34.69 -5.89
CA ALA B 240 14.54 -34.40 -4.48
C ALA B 240 13.34 -33.75 -3.77
N ALA B 241 13.43 -33.56 -2.46
CA ALA B 241 12.32 -32.95 -1.71
C ALA B 241 11.82 -31.59 -2.24
N VAL B 242 10.50 -31.40 -2.17
CA VAL B 242 9.87 -30.15 -2.63
C VAL B 242 9.77 -29.26 -1.41
N ARG B 243 10.46 -28.13 -1.47
CA ARG B 243 10.53 -27.24 -0.34
C ARG B 243 9.57 -26.06 -0.37
N CYS B 244 9.28 -25.58 -1.58
CA CYS B 244 8.38 -24.45 -1.72
C CYS B 244 7.44 -24.62 -2.92
N VAL B 245 6.28 -23.98 -2.83
CA VAL B 245 5.28 -24.08 -3.88
C VAL B 245 4.39 -22.82 -3.98
N GLN B 246 3.90 -22.55 -5.20
CA GLN B 246 2.99 -21.43 -5.45
C GLN B 246 1.89 -21.89 -6.40
N TYR B 247 0.69 -21.36 -6.25
CA TYR B 247 -0.42 -21.78 -7.08
C TYR B 247 -1.40 -20.63 -7.27
N ASP B 248 -1.64 -20.27 -8.53
CA ASP B 248 -2.55 -19.18 -8.83
C ASP B 248 -3.86 -19.66 -9.42
N GLY B 249 -4.06 -20.97 -9.43
CA GLY B 249 -5.27 -21.55 -9.99
C GLY B 249 -5.10 -21.98 -11.43
N ARG B 250 -4.06 -21.49 -12.09
CA ARG B 250 -3.79 -21.81 -13.48
C ARG B 250 -2.53 -22.69 -13.59
N ARG B 251 -1.41 -22.21 -13.06
CA ARG B 251 -0.17 -22.97 -13.07
C ARG B 251 0.26 -23.29 -11.63
N VAL B 252 1.01 -24.37 -11.46
CA VAL B 252 1.54 -24.70 -10.15
C VAL B 252 3.04 -24.55 -10.36
N VAL B 253 3.71 -23.86 -9.45
CA VAL B 253 5.17 -23.66 -9.53
C VAL B 253 5.77 -24.29 -8.25
N SER B 254 6.85 -25.07 -8.43
CA SER B 254 7.47 -25.76 -7.31
C SER B 254 8.99 -25.61 -7.29
N GLY B 255 9.55 -25.59 -6.09
CA GLY B 255 10.99 -25.46 -5.92
C GLY B 255 11.47 -26.63 -5.08
N ALA B 256 12.46 -27.38 -5.58
CA ALA B 256 12.93 -28.57 -4.85
C ALA B 256 14.42 -28.64 -4.51
N TYR B 257 14.76 -29.61 -3.65
CA TYR B 257 16.15 -29.79 -3.29
C TYR B 257 16.97 -30.37 -4.43
N ASP B 258 16.39 -30.49 -5.62
CA ASP B 258 17.18 -30.98 -6.74
C ASP B 258 17.65 -29.83 -7.60
N PHE B 259 17.66 -28.65 -7.00
CA PHE B 259 18.12 -27.41 -7.64
C PHE B 259 17.20 -27.00 -8.77
N MET B 260 16.04 -27.62 -8.84
CA MET B 260 15.13 -27.33 -9.92
C MET B 260 13.85 -26.60 -9.55
N VAL B 261 13.33 -25.84 -10.50
CA VAL B 261 12.05 -25.17 -10.33
C VAL B 261 11.16 -25.71 -11.48
N LYS B 262 10.03 -26.32 -11.15
CA LYS B 262 9.14 -26.85 -12.19
C LYS B 262 7.78 -26.13 -12.30
N VAL B 263 7.36 -25.81 -13.53
CA VAL B 263 6.08 -25.16 -13.76
C VAL B 263 5.11 -26.24 -14.25
N TRP B 264 3.91 -26.29 -13.69
CA TRP B 264 2.97 -27.34 -14.09
C TRP B 264 1.58 -26.90 -14.49
N ASP B 265 0.92 -27.78 -15.24
CA ASP B 265 -0.48 -27.59 -15.59
C ASP B 265 -1.10 -28.74 -14.79
N PRO B 266 -1.68 -28.43 -13.62
CA PRO B 266 -2.26 -29.53 -12.84
C PRO B 266 -3.31 -30.44 -13.48
N GLU B 267 -4.32 -29.87 -14.14
CA GLU B 267 -5.39 -30.65 -14.77
C GLU B 267 -4.94 -31.89 -15.53
N THR B 268 -3.81 -31.79 -16.22
CA THR B 268 -3.27 -32.89 -17.00
C THR B 268 -2.00 -33.47 -16.38
N GLU B 269 -1.78 -33.16 -15.09
CA GLU B 269 -0.62 -33.63 -14.34
C GLU B 269 0.66 -33.57 -15.15
N THR B 270 0.83 -32.50 -15.92
CA THR B 270 2.04 -32.39 -16.72
C THR B 270 2.98 -31.24 -16.39
N CYS B 271 4.26 -31.55 -16.45
CA CYS B 271 5.29 -30.57 -16.17
C CYS B 271 5.55 -29.82 -17.45
N LEU B 272 5.09 -28.58 -17.52
CA LEU B 272 5.29 -27.77 -18.71
C LEU B 272 6.73 -27.28 -18.84
N HIS B 273 7.38 -26.99 -17.71
CA HIS B 273 8.75 -26.49 -17.72
C HIS B 273 9.58 -26.93 -16.53
N THR B 274 10.88 -27.04 -16.76
CA THR B 274 11.80 -27.38 -15.69
C THR B 274 12.81 -26.24 -15.84
N LEU B 275 12.82 -25.36 -14.84
CA LEU B 275 13.70 -24.21 -14.90
C LEU B 275 15.05 -24.61 -14.28
N GLN B 276 16.08 -24.59 -15.10
CA GLN B 276 17.42 -24.98 -14.66
C GLN B 276 18.38 -23.81 -14.59
N GLY B 277 19.12 -23.76 -13.49
CA GLY B 277 20.08 -22.68 -13.29
C GLY B 277 20.64 -22.71 -11.89
N HIS B 278 19.79 -22.96 -10.89
CA HIS B 278 20.31 -22.97 -9.54
C HIS B 278 21.28 -24.11 -9.26
N THR B 279 22.47 -23.73 -8.84
CA THR B 279 23.52 -24.65 -8.53
C THR B 279 23.41 -25.23 -7.14
N ASN B 280 22.20 -25.21 -6.56
CA ASN B 280 21.98 -25.78 -5.22
C ASN B 280 20.47 -25.77 -4.87
N ARG B 281 20.11 -26.35 -3.74
CA ARG B 281 18.72 -26.42 -3.32
C ARG B 281 17.89 -25.13 -3.47
N VAL B 282 16.69 -25.24 -4.03
CA VAL B 282 15.79 -24.08 -4.16
C VAL B 282 14.94 -24.07 -2.88
N TYR B 283 14.98 -22.97 -2.14
CA TYR B 283 14.23 -22.87 -0.88
C TYR B 283 13.01 -21.97 -0.90
N SER B 284 13.05 -20.90 -1.68
CA SER B 284 11.92 -19.99 -1.68
C SER B 284 11.39 -19.67 -3.05
N LEU B 285 10.09 -19.39 -3.12
CA LEU B 285 9.43 -19.09 -4.38
C LEU B 285 8.34 -18.06 -4.24
N GLN B 286 8.15 -17.29 -5.31
CA GLN B 286 7.08 -16.30 -5.39
C GLN B 286 6.67 -16.40 -6.85
N PHE B 287 5.40 -16.14 -7.14
CA PHE B 287 4.89 -16.26 -8.49
C PHE B 287 3.71 -15.31 -8.62
N ASP B 288 3.69 -14.49 -9.68
CA ASP B 288 2.60 -13.54 -9.87
C ASP B 288 1.81 -13.80 -11.15
N GLY B 289 1.82 -15.03 -11.65
CA GLY B 289 1.09 -15.35 -12.86
C GLY B 289 1.87 -15.01 -14.12
N ILE B 290 2.94 -14.24 -13.96
CA ILE B 290 3.79 -13.85 -15.08
C ILE B 290 5.24 -14.19 -14.83
N HIS B 291 5.76 -13.82 -13.66
CA HIS B 291 7.16 -14.14 -13.33
C HIS B 291 7.24 -15.13 -12.20
N VAL B 292 8.17 -16.08 -12.34
CA VAL B 292 8.45 -17.02 -11.27
C VAL B 292 9.71 -16.43 -10.63
N VAL B 293 9.84 -16.49 -9.32
CA VAL B 293 11.04 -15.99 -8.68
C VAL B 293 11.47 -17.04 -7.67
N SER B 294 12.73 -17.48 -7.77
CA SER B 294 13.25 -18.51 -6.89
C SER B 294 14.53 -18.13 -6.15
N GLY B 295 14.58 -18.50 -4.88
CA GLY B 295 15.74 -18.21 -4.04
C GLY B 295 16.39 -19.51 -3.65
N SER B 296 17.70 -19.60 -3.88
CA SER B 296 18.42 -20.83 -3.59
C SER B 296 19.47 -20.79 -2.48
N LEU B 297 19.89 -21.98 -2.06
CA LEU B 297 20.92 -22.12 -1.04
C LEU B 297 22.22 -21.76 -1.76
N ASP B 298 22.12 -21.52 -3.06
CA ASP B 298 23.26 -21.15 -3.86
C ASP B 298 23.53 -19.65 -3.75
N THR B 299 22.72 -18.93 -2.97
CA THR B 299 22.96 -17.49 -2.78
C THR B 299 22.31 -16.54 -3.79
N SER B 300 21.90 -17.06 -4.93
CA SER B 300 21.28 -16.26 -6.00
C SER B 300 19.74 -16.33 -5.96
N ILE B 301 19.12 -15.45 -6.75
CA ILE B 301 17.67 -15.41 -6.87
C ILE B 301 17.46 -15.26 -8.35
N ARG B 302 16.69 -16.17 -8.95
CA ARG B 302 16.43 -16.09 -10.38
C ARG B 302 15.01 -15.67 -10.66
N VAL B 303 14.85 -14.89 -11.72
CA VAL B 303 13.56 -14.39 -12.13
C VAL B 303 13.25 -15.02 -13.51
N TRP B 304 12.18 -15.80 -13.57
CA TRP B 304 11.86 -16.46 -14.83
C TRP B 304 10.52 -16.10 -15.43
N ASP B 305 10.47 -16.20 -16.76
CA ASP B 305 9.26 -15.96 -17.53
C ASP B 305 8.50 -17.30 -17.48
N VAL B 306 7.33 -17.32 -16.87
CA VAL B 306 6.55 -18.54 -16.71
C VAL B 306 6.07 -19.14 -18.05
N GLU B 307 5.85 -18.28 -19.05
CA GLU B 307 5.38 -18.72 -20.36
C GLU B 307 6.45 -19.41 -21.23
N THR B 308 7.69 -18.93 -21.17
CA THR B 308 8.74 -19.51 -21.99
C THR B 308 9.73 -20.38 -21.24
N GLY B 309 9.76 -20.24 -19.92
CA GLY B 309 10.70 -21.01 -19.11
C GLY B 309 12.08 -20.38 -19.06
N ASN B 310 12.22 -19.24 -19.74
CA ASN B 310 13.49 -18.50 -19.81
C ASN B 310 13.86 -17.70 -18.56
N CYS B 311 15.13 -17.72 -18.21
CA CYS B 311 15.64 -16.97 -17.07
C CYS B 311 15.75 -15.52 -17.55
N ILE B 312 15.13 -14.59 -16.83
CA ILE B 312 15.14 -13.18 -17.21
C ILE B 312 16.23 -12.37 -16.49
N HIS B 313 16.55 -12.76 -15.24
CA HIS B 313 17.55 -12.08 -14.42
C HIS B 313 18.11 -13.10 -13.45
N THR B 314 19.38 -12.94 -13.09
CA THR B 314 19.97 -13.79 -12.07
C THR B 314 20.38 -12.69 -11.10
N LEU B 315 19.67 -12.61 -9.97
CA LEU B 315 19.92 -11.57 -8.98
C LEU B 315 20.95 -12.05 -7.99
N THR B 316 22.07 -11.35 -7.99
CA THR B 316 23.22 -11.68 -7.13
C THR B 316 23.52 -10.61 -6.09
N GLY B 317 24.13 -11.03 -4.98
CA GLY B 317 24.48 -10.08 -3.95
C GLY B 317 24.37 -10.66 -2.55
N HIS B 318 23.37 -11.51 -2.33
CA HIS B 318 23.23 -12.12 -1.02
C HIS B 318 24.41 -13.06 -0.91
N GLN B 319 24.72 -13.50 0.30
CA GLN B 319 25.88 -14.35 0.47
C GLN B 319 25.56 -15.64 1.14
N SER B 320 24.28 -15.85 1.42
CA SER B 320 23.90 -17.08 2.05
C SER B 320 22.49 -17.49 1.61
N LEU B 321 21.81 -18.29 2.41
CA LEU B 321 20.48 -18.75 2.06
C LEU B 321 19.35 -17.69 2.15
N THR B 322 18.66 -17.45 1.03
CA THR B 322 17.51 -16.53 1.03
C THR B 322 16.34 -17.34 1.61
N SER B 323 15.93 -17.02 2.83
CA SER B 323 14.85 -17.74 3.49
C SER B 323 13.45 -17.39 2.96
N GLY B 324 13.11 -16.11 3.00
CA GLY B 324 11.81 -15.71 2.51
C GLY B 324 11.92 -14.58 1.51
N MET B 325 10.89 -14.49 0.67
CA MET B 325 10.79 -13.44 -0.34
C MET B 325 9.34 -13.07 -0.44
N GLU B 326 9.08 -11.83 -0.83
CA GLU B 326 7.73 -11.36 -1.01
C GLU B 326 7.75 -10.59 -2.30
N LEU B 327 6.81 -10.87 -3.19
CA LEU B 327 6.73 -10.19 -4.46
C LEU B 327 5.40 -9.45 -4.58
N LYS B 328 5.43 -8.14 -4.88
CA LYS B 328 4.21 -7.35 -5.05
C LYS B 328 4.48 -6.30 -6.12
N ASP B 329 3.72 -6.33 -7.21
CA ASP B 329 3.89 -5.34 -8.25
C ASP B 329 5.28 -5.29 -8.83
N ASN B 330 5.90 -6.45 -9.02
CA ASN B 330 7.24 -6.47 -9.59
C ASN B 330 8.33 -5.87 -8.70
N ILE B 331 8.02 -5.73 -7.42
CA ILE B 331 9.00 -5.27 -6.47
C ILE B 331 9.20 -6.51 -5.60
N LEU B 332 10.44 -6.91 -5.42
CA LEU B 332 10.76 -8.10 -4.65
C LEU B 332 11.60 -7.75 -3.41
N VAL B 333 11.30 -8.41 -2.29
CA VAL B 333 12.05 -8.16 -1.07
C VAL B 333 12.49 -9.52 -0.57
N SER B 334 13.80 -9.67 -0.37
CA SER B 334 14.35 -10.93 0.04
C SER B 334 15.06 -10.87 1.38
N GLY B 335 14.74 -11.82 2.25
CA GLY B 335 15.35 -11.94 3.57
C GLY B 335 16.41 -13.02 3.46
N ASN B 336 17.58 -12.77 4.04
CA ASN B 336 18.67 -13.72 3.87
C ASN B 336 19.38 -14.10 5.15
N ALA B 337 19.94 -15.31 5.16
CA ALA B 337 20.67 -15.78 6.32
C ALA B 337 21.93 -14.93 6.53
N ASP B 338 22.34 -14.19 5.50
CA ASP B 338 23.50 -13.32 5.62
C ASP B 338 23.19 -12.11 6.49
N SER B 339 21.96 -12.08 7.05
CA SER B 339 21.46 -11.03 7.95
C SER B 339 21.03 -9.74 7.24
N THR B 340 21.07 -9.78 5.93
CA THR B 340 20.73 -8.65 5.08
C THR B 340 19.35 -8.81 4.42
N VAL B 341 18.77 -7.71 3.95
CA VAL B 341 17.51 -7.78 3.24
C VAL B 341 17.64 -6.90 2.01
N LYS B 342 17.16 -7.38 0.87
CA LYS B 342 17.30 -6.58 -0.34
C LYS B 342 15.99 -6.35 -1.03
N ILE B 343 15.90 -5.21 -1.71
CA ILE B 343 14.71 -4.84 -2.42
C ILE B 343 15.08 -4.75 -3.90
N TRP B 344 14.32 -5.43 -4.75
CA TRP B 344 14.64 -5.46 -6.17
C TRP B 344 13.51 -5.06 -7.08
N ASP B 345 13.87 -4.59 -8.26
CA ASP B 345 12.90 -4.25 -9.31
C ASP B 345 13.04 -5.46 -10.24
N ILE B 346 12.13 -6.44 -10.17
CA ILE B 346 12.32 -7.61 -11.02
C ILE B 346 12.11 -7.37 -12.49
N LYS B 347 11.77 -6.14 -12.86
CA LYS B 347 11.62 -5.82 -14.28
C LYS B 347 13.01 -5.48 -14.85
N THR B 348 13.75 -4.61 -14.15
CA THR B 348 15.07 -4.19 -14.59
C THR B 348 16.20 -4.98 -13.97
N GLY B 349 15.92 -5.64 -12.87
CA GLY B 349 16.97 -6.41 -12.23
C GLY B 349 17.76 -5.57 -11.24
N GLN B 350 17.46 -4.28 -11.17
CA GLN B 350 18.16 -3.40 -10.25
C GLN B 350 17.92 -3.71 -8.79
N CYS B 351 18.97 -3.67 -7.99
CA CYS B 351 18.85 -3.89 -6.55
C CYS B 351 18.58 -2.49 -5.99
N LEU B 352 17.31 -2.17 -5.75
CA LEU B 352 16.91 -0.86 -5.24
C LEU B 352 17.49 -0.48 -3.86
N GLN B 353 17.57 -1.43 -2.93
CA GLN B 353 18.12 -1.11 -1.62
C GLN B 353 18.60 -2.35 -0.93
N THR B 354 19.55 -2.18 -0.02
CA THR B 354 20.02 -3.28 0.80
C THR B 354 19.79 -2.72 2.20
N LEU B 355 18.99 -3.44 3.01
CA LEU B 355 18.68 -2.99 4.37
C LEU B 355 19.76 -3.44 5.32
N GLN B 356 20.65 -2.53 5.69
CA GLN B 356 21.74 -2.89 6.60
C GLN B 356 22.12 -1.66 7.38
N GLY B 357 23.42 -1.38 7.54
CA GLY B 357 23.81 -0.20 8.31
C GLY B 357 24.04 -0.47 9.79
N PRO B 358 24.35 0.57 10.58
CA PRO B 358 24.61 0.41 12.03
C PRO B 358 23.53 -0.34 12.79
N ASN B 359 22.28 -0.23 12.35
CA ASN B 359 21.19 -0.92 13.02
C ASN B 359 20.67 -2.15 12.29
N LYS B 360 21.52 -2.74 11.46
CA LYS B 360 21.16 -3.94 10.71
C LYS B 360 20.98 -5.13 11.64
N HIS B 361 20.50 -6.24 11.10
CA HIS B 361 20.32 -7.45 11.91
C HIS B 361 21.68 -8.07 12.25
N GLN B 362 21.80 -8.66 13.43
CA GLN B 362 23.07 -9.27 13.84
C GLN B 362 23.12 -10.73 13.38
N SER B 363 22.00 -11.24 12.89
CA SER B 363 21.98 -12.60 12.37
C SER B 363 20.94 -12.81 11.31
N ALA B 364 20.86 -14.04 10.83
CA ALA B 364 19.92 -14.41 9.78
C ALA B 364 18.54 -13.77 9.93
N VAL B 365 18.01 -13.32 8.80
CA VAL B 365 16.68 -12.73 8.75
C VAL B 365 15.75 -13.94 8.54
N THR B 366 14.75 -14.06 9.40
CA THR B 366 13.84 -15.19 9.36
C THR B 366 12.53 -14.97 8.63
N CYS B 367 12.14 -13.72 8.48
CA CYS B 367 10.87 -13.42 7.85
C CYS B 367 10.79 -11.94 7.49
N LEU B 368 9.83 -11.60 6.65
CA LEU B 368 9.66 -10.20 6.33
C LEU B 368 8.29 -9.94 5.73
N GLN B 369 7.85 -8.68 5.86
CA GLN B 369 6.59 -8.20 5.30
C GLN B 369 6.86 -6.78 4.79
N PHE B 370 6.11 -6.33 3.80
CA PHE B 370 6.29 -4.98 3.34
C PHE B 370 5.05 -4.44 2.66
N ASN B 371 5.02 -3.13 2.46
CA ASN B 371 3.91 -2.44 1.81
C ASN B 371 4.55 -1.26 1.08
N LYS B 372 3.77 -0.29 0.65
CA LYS B 372 4.37 0.79 -0.11
C LYS B 372 5.32 1.70 0.66
N ASN B 373 5.22 1.67 1.99
CA ASN B 373 6.05 2.51 2.83
C ASN B 373 7.15 1.82 3.57
N PHE B 374 6.83 0.66 4.13
CA PHE B 374 7.82 -0.04 4.93
C PHE B 374 8.08 -1.50 4.62
N VAL B 375 9.18 -1.96 5.21
CA VAL B 375 9.60 -3.33 5.15
C VAL B 375 9.72 -3.68 6.65
N ILE B 376 9.16 -4.82 7.05
CA ILE B 376 9.22 -5.28 8.43
C ILE B 376 10.04 -6.59 8.41
N THR B 377 11.10 -6.63 9.23
CA THR B 377 11.96 -7.80 9.24
C THR B 377 12.21 -8.36 10.61
N SER B 378 12.29 -9.69 10.68
CA SER B 378 12.53 -10.41 11.94
C SER B 378 13.82 -11.21 11.85
N SER B 379 14.40 -11.54 13.00
CA SER B 379 15.66 -12.23 13.00
C SER B 379 15.94 -13.05 14.26
N ASP B 380 16.95 -13.91 14.17
CA ASP B 380 17.37 -14.68 15.32
C ASP B 380 18.00 -13.74 16.34
N ASP B 381 18.28 -12.49 15.95
CA ASP B 381 18.86 -11.55 16.92
C ASP B 381 17.79 -11.06 17.89
N GLY B 382 16.58 -11.58 17.75
CA GLY B 382 15.50 -11.21 18.65
C GLY B 382 14.83 -9.86 18.43
N THR B 383 15.01 -9.29 17.25
CA THR B 383 14.38 -8.00 16.97
C THR B 383 13.48 -8.10 15.74
N VAL B 384 12.53 -7.18 15.65
CA VAL B 384 11.67 -7.08 14.50
C VAL B 384 11.98 -5.62 14.19
N LYS B 385 12.44 -5.33 12.98
CA LYS B 385 12.78 -3.95 12.63
C LYS B 385 11.85 -3.36 11.60
N LEU B 386 11.73 -2.03 11.62
CA LEU B 386 10.91 -1.30 10.67
C LEU B 386 11.89 -0.51 9.78
N TRP B 387 11.70 -0.57 8.47
CA TRP B 387 12.57 0.15 7.53
C TRP B 387 11.72 0.97 6.58
N ASP B 388 12.34 1.98 6.00
CA ASP B 388 11.68 2.83 5.03
C ASP B 388 11.92 2.18 3.65
N LEU B 389 10.86 1.72 2.99
CA LEU B 389 11.03 1.09 1.69
C LEU B 389 11.58 2.02 0.63
N LYS B 390 11.14 3.28 0.61
CA LYS B 390 11.62 4.20 -0.41
C LYS B 390 13.06 4.64 -0.25
N THR B 391 13.56 4.72 0.98
CA THR B 391 14.93 5.16 1.17
C THR B 391 15.87 4.05 1.60
N GLY B 392 15.33 2.92 2.03
CA GLY B 392 16.20 1.84 2.47
C GLY B 392 16.78 2.11 3.84
N GLU B 393 16.34 3.18 4.50
CA GLU B 393 16.89 3.50 5.82
C GLU B 393 16.20 2.78 6.98
N PHE B 394 16.96 2.53 8.03
CA PHE B 394 16.43 1.91 9.23
C PHE B 394 15.58 2.97 9.93
N ILE B 395 14.43 2.57 10.45
CA ILE B 395 13.60 3.51 11.18
C ILE B 395 13.73 3.23 12.68
N ARG B 396 13.30 2.05 13.12
CA ARG B 396 13.35 1.68 14.54
C ARG B 396 13.17 0.14 14.75
N ASN B 397 13.38 -0.29 15.98
CA ASN B 397 13.18 -1.68 16.37
C ASN B 397 11.78 -1.75 16.98
N LEU B 398 10.84 -2.41 16.30
CA LEU B 398 9.48 -2.56 16.84
C LEU B 398 9.46 -3.55 18.02
N VAL B 399 10.34 -4.54 17.98
CA VAL B 399 10.43 -5.53 19.03
C VAL B 399 11.90 -5.73 19.31
N THR B 400 12.26 -5.85 20.58
CA THR B 400 13.66 -6.08 20.95
C THR B 400 13.69 -7.05 22.13
N LEU B 401 13.72 -8.33 21.84
CA LEU B 401 13.74 -9.34 22.89
C LEU B 401 14.96 -9.17 23.79
N GLU B 402 14.76 -9.15 25.11
CA GLU B 402 15.89 -9.01 26.04
C GLU B 402 16.78 -10.26 25.94
N SER B 403 16.16 -11.40 25.66
CA SER B 403 16.89 -12.66 25.52
C SER B 403 17.44 -12.78 24.10
N GLY B 404 17.34 -11.70 23.32
CA GLY B 404 17.79 -11.75 21.95
C GLY B 404 19.17 -12.31 21.71
N GLY B 405 20.13 -11.84 22.48
CA GLY B 405 21.50 -12.31 22.30
C GLY B 405 21.83 -13.63 22.97
N SER B 406 20.88 -14.26 23.63
CA SER B 406 21.18 -15.51 24.28
C SER B 406 20.16 -16.61 24.04
N GLY B 407 19.54 -16.59 22.85
CA GLY B 407 18.57 -17.63 22.53
C GLY B 407 17.22 -17.11 22.06
N GLY B 408 16.81 -15.94 22.54
CA GLY B 408 15.53 -15.39 22.13
C GLY B 408 15.53 -15.27 20.63
N VAL B 409 14.44 -15.71 20.01
CA VAL B 409 14.36 -15.66 18.57
C VAL B 409 12.98 -15.24 18.07
N VAL B 410 12.92 -14.58 16.91
CA VAL B 410 11.61 -14.27 16.33
C VAL B 410 11.58 -15.14 15.08
N TRP B 411 10.73 -16.17 15.11
CA TRP B 411 10.65 -17.09 13.96
C TRP B 411 9.96 -16.54 12.73
N ARG B 412 8.86 -15.83 12.93
CA ARG B 412 8.13 -15.31 11.79
C ARG B 412 7.15 -14.21 12.22
N ILE B 413 6.71 -13.43 11.24
CA ILE B 413 5.81 -12.33 11.49
C ILE B 413 4.71 -12.22 10.42
N ARG B 414 3.63 -11.55 10.78
CA ARG B 414 2.51 -11.30 9.86
C ARG B 414 2.04 -9.90 10.23
N ALA B 415 1.75 -9.10 9.23
CA ALA B 415 1.28 -7.76 9.53
C ALA B 415 0.06 -7.40 8.71
N SER B 416 -0.80 -6.62 9.33
CA SER B 416 -1.99 -6.10 8.67
C SER B 416 -1.67 -4.60 8.69
N ASN B 417 -2.60 -3.79 8.23
CA ASN B 417 -2.41 -2.36 8.20
C ASN B 417 -2.21 -1.81 9.62
N THR B 418 -2.97 -2.34 10.57
CA THR B 418 -2.88 -1.85 11.93
C THR B 418 -2.18 -2.70 12.97
N LYS B 419 -1.78 -3.91 12.62
CA LYS B 419 -1.07 -4.68 13.62
C LYS B 419 -0.01 -5.66 13.16
N LEU B 420 0.82 -6.04 14.11
CA LEU B 420 1.92 -6.94 13.85
C LEU B 420 1.85 -8.12 14.78
N VAL B 421 1.93 -9.33 14.21
CA VAL B 421 1.90 -10.56 14.99
C VAL B 421 3.27 -11.24 14.85
N CYS B 422 3.92 -11.49 15.99
CA CYS B 422 5.25 -12.11 16.01
C CYS B 422 5.27 -13.44 16.74
N ALA B 423 5.81 -14.48 16.10
CA ALA B 423 5.93 -15.80 16.72
C ALA B 423 7.34 -15.76 17.33
N VAL B 424 7.41 -15.95 18.64
CA VAL B 424 8.66 -15.83 19.37
C VAL B 424 8.98 -17.02 20.26
N GLY B 425 10.27 -17.24 20.52
CA GLY B 425 10.68 -18.35 21.37
C GLY B 425 12.18 -18.56 21.43
N SER B 426 12.61 -19.78 21.73
CA SER B 426 14.03 -20.13 21.84
C SER B 426 14.25 -21.64 21.90
N ARG B 427 15.46 -22.09 21.57
CA ARG B 427 15.79 -23.51 21.63
C ARG B 427 16.24 -23.85 23.06
N ASN B 428 16.68 -22.86 23.81
CA ASN B 428 17.23 -23.11 25.14
C ASN B 428 16.42 -22.68 26.34
N GLY B 429 15.16 -22.36 26.13
CA GLY B 429 14.35 -21.96 27.26
C GLY B 429 14.53 -20.54 27.76
N THR B 430 15.37 -19.72 27.14
CA THR B 430 15.52 -18.36 27.64
C THR B 430 14.32 -17.51 27.29
N GLU B 431 13.51 -18.00 26.35
CA GLU B 431 12.27 -17.34 25.91
C GLU B 431 11.17 -18.36 25.78
N GLU B 432 10.07 -18.16 26.48
CA GLU B 432 8.95 -19.09 26.36
C GLU B 432 8.30 -18.80 25.03
N THR B 433 7.90 -19.85 24.32
CA THR B 433 7.30 -19.63 23.04
C THR B 433 5.93 -18.98 23.20
N LYS B 434 5.69 -17.99 22.35
CA LYS B 434 4.47 -17.24 22.38
C LYS B 434 4.36 -16.41 21.13
N LEU B 435 3.24 -15.70 21.00
CA LEU B 435 3.03 -14.80 19.90
C LEU B 435 2.97 -13.45 20.62
N LEU B 436 3.47 -12.41 19.97
CA LEU B 436 3.43 -11.07 20.49
C LEU B 436 2.52 -10.35 19.50
N VAL B 437 1.53 -9.61 19.99
CA VAL B 437 0.66 -8.87 19.07
C VAL B 437 0.76 -7.38 19.37
N LEU B 438 1.30 -6.61 18.42
CA LEU B 438 1.44 -5.15 18.58
C LEU B 438 0.30 -4.47 17.84
N ASP B 439 -0.22 -3.39 18.43
CA ASP B 439 -1.33 -2.65 17.82
C ASP B 439 -0.92 -1.21 17.45
N PHE B 440 -1.20 -0.84 16.21
CA PHE B 440 -0.86 0.49 15.71
C PHE B 440 -2.09 1.25 15.24
N ASP B 441 -3.27 0.79 15.64
CA ASP B 441 -4.48 1.46 15.25
C ASP B 441 -4.51 2.80 15.95
N VAL B 442 -5.33 3.71 15.42
CA VAL B 442 -5.45 5.03 15.98
C VAL B 442 -6.83 5.25 16.59
N ASP B 443 -6.91 6.18 17.54
CA ASP B 443 -8.16 6.51 18.23
C ASP B 443 -8.99 7.49 17.40
N MET B 444 -9.93 6.96 16.63
CA MET B 444 -10.80 7.79 15.79
C MET B 444 -12.15 7.09 15.63
N SER C 1 22.93 -22.27 8.83
CA SER C 1 21.60 -22.68 8.29
C SER C 1 20.79 -23.48 9.32
N LEU C 2 20.38 -22.80 10.40
CA LEU C 2 19.57 -23.46 11.40
C LEU C 2 18.17 -22.83 11.47
N ILE C 3 17.65 -22.52 10.27
CA ILE C 3 16.30 -21.99 10.10
C ILE C 3 15.56 -23.34 10.00
N PRO C 4 14.42 -23.47 10.71
CA PRO C 4 13.59 -24.68 10.75
C PRO C 4 13.39 -25.63 9.53
N TPO C 5 13.20 -26.90 9.90
CA TPO C 5 12.97 -28.14 9.10
CB TPO C 5 14.19 -28.24 8.17
CG2 TPO C 5 14.66 -29.66 7.95
OG1 TPO C 5 13.65 -27.68 7.02
P TPO C 5 14.46 -27.50 5.68
O1P TPO C 5 15.14 -28.87 5.25
O2P TPO C 5 15.50 -26.33 5.96
O3P TPO C 5 13.34 -27.01 4.67
C TPO C 5 13.06 -29.03 10.26
O TPO C 5 13.67 -28.78 11.29
N PRO C 6 12.33 -30.15 10.06
CA PRO C 6 12.01 -31.38 10.78
C PRO C 6 13.13 -32.34 10.35
N ASP C 7 13.46 -33.28 11.21
CA ASP C 7 14.52 -34.22 10.87
C ASP C 7 13.93 -35.38 10.06
N LYS C 8 14.52 -36.55 10.20
CA LYS C 8 14.03 -37.73 9.49
C LYS C 8 13.98 -38.93 10.41
S SO4 D . 9.10 -21.61 5.64
O1 SO4 D . 8.70 -20.19 5.71
O2 SO4 D . 7.96 -22.45 6.05
O3 SO4 D . 9.48 -21.93 4.25
O4 SO4 D . 10.24 -21.84 6.53
S SO4 E . 1.55 -17.87 2.30
O1 SO4 E . 1.26 -16.74 3.19
O2 SO4 E . 0.27 -18.40 1.77
O3 SO4 E . 2.38 -17.42 1.15
O4 SO4 E . 2.27 -18.93 3.04
S SO4 F . -10.85 -26.61 22.03
O1 SO4 F . -10.50 -25.48 22.93
O2 SO4 F . -12.30 -26.87 22.14
O3 SO4 F . -10.56 -26.31 20.62
O4 SO4 F . -10.07 -27.81 22.40
S SO4 G . 20.49 3.39 7.66
O1 SO4 G . 19.78 4.68 7.70
O2 SO4 G . 19.54 2.30 7.40
O3 SO4 G . 21.52 3.43 6.60
O4 SO4 G . 21.15 3.15 8.96
S SO4 H . 0.01 -25.52 24.87
O1 SO4 H . -0.33 -24.09 25.07
O2 SO4 H . -1.22 -26.31 25.02
O3 SO4 H . 0.57 -25.74 23.53
O4 SO4 H . 1.00 -25.93 25.88
S SO4 I . -7.79 -0.88 8.10
O1 SO4 I . -7.96 0.53 8.54
O2 SO4 I . -9.10 -1.56 8.07
O3 SO4 I . -7.19 -0.91 6.75
O4 SO4 I . -6.91 -1.57 9.07
S SO4 J . -13.05 -10.94 18.09
O1 SO4 J . -13.53 -9.56 18.31
O2 SO4 J . -14.19 -11.85 17.84
O3 SO4 J . -12.17 -10.94 16.91
O4 SO4 J . -12.32 -11.40 19.28
S SO4 K . -20.47 30.98 -6.08
O1 SO4 K . -21.25 32.22 -5.85
O2 SO4 K . -21.32 29.80 -5.82
O3 SO4 K . -20.00 30.96 -7.47
O4 SO4 K . -19.33 30.98 -5.15
S SO4 L . 1.14 -9.00 -7.48
O1 SO4 L . 0.73 -7.72 -6.87
O2 SO4 L . 0.03 -9.96 -7.42
O3 SO4 L . 1.51 -8.79 -8.89
O4 SO4 L . 2.30 -9.56 -6.75
S SO4 M . 6.91 -46.16 8.27
O1 SO4 M . 5.62 -45.62 8.73
O2 SO4 M . 6.80 -47.63 8.14
O3 SO4 M . 7.25 -45.59 6.95
O4 SO4 M . 7.97 -45.83 9.24
S SO4 N . 8.84 -33.23 14.32
O1 SO4 N . 9.32 -31.92 14.80
O2 SO4 N . 7.37 -33.28 14.38
O3 SO4 N . 9.31 -33.44 12.94
O4 SO4 N . 9.38 -34.28 15.19
S SO4 O . 10.98 -37.57 6.62
O1 SO4 O . 10.59 -36.38 7.41
O2 SO4 O . 9.78 -38.19 6.03
O3 SO4 O . 11.92 -37.18 5.56
O4 SO4 O . 11.63 -38.55 7.51
#